data_3CLA
#
_entry.id   3CLA
#
_cell.length_a   107.600
_cell.length_b   107.600
_cell.length_c   123.600
_cell.angle_alpha   90.00
_cell.angle_beta   90.00
_cell.angle_gamma   120.00
#
_symmetry.space_group_name_H-M   'H 3 2'
#
loop_
_entity.id
_entity.type
_entity.pdbx_description
1 polymer 'TYPE III CHLORAMPHENICOL ACETYLTRANSFERASE'
2 non-polymer 'COBALT (II) ION'
3 non-polymer CHLORAMPHENICOL
4 water water
#
_entity_poly.entity_id   1
_entity_poly.type   'polypeptide(L)'
_entity_poly.pdbx_seq_one_letter_code
;MNYTKFDVKNWVRREHFEFYRHRLPCGFSLTSKIDITTLKKSLDDSAYKFYPVMIYLIAQAVNQFDELRMAIKDDELIVW
DSVDPQFTVFHQETETFSALSCPYSSDIDQFMVNYLSVMERYKSDTKLFPQGVTPENHLNISALPWVNFDSFNLNVANFT
DYFAPIITMAKYQQEGDRLLLPLSVQVHHAVCDGFHVARFINRLQELCNSKLK
;
_entity_poly.pdbx_strand_id   A
#
loop_
_chem_comp.id
_chem_comp.type
_chem_comp.name
_chem_comp.formula
CLM non-polymer CHLORAMPHENICOL 'C11 H12 Cl2 N2 O5'
CO non-polymer 'COBALT (II) ION' 'Co 2'
#
# COMPACT_ATOMS: atom_id res chain seq x y z
N MET A 1 10.09 -7.21 -20.32
CA MET A 1 9.90 -7.46 -18.91
C MET A 1 8.68 -6.60 -18.43
N ASN A 2 8.35 -6.79 -17.19
CA ASN A 2 7.33 -6.08 -16.43
C ASN A 2 7.81 -4.78 -15.80
N TYR A 3 8.82 -4.14 -16.30
CA TYR A 3 9.29 -2.83 -15.79
C TYR A 3 9.95 -2.06 -16.92
N THR A 4 10.17 -0.81 -16.74
CA THR A 4 10.88 0.05 -17.72
C THR A 4 12.01 0.74 -16.97
N LYS A 5 13.18 0.91 -17.60
CA LYS A 5 14.28 1.62 -16.89
C LYS A 5 13.88 3.08 -16.99
N PHE A 6 13.95 3.80 -15.87
CA PHE A 6 13.51 5.19 -15.88
C PHE A 6 14.63 6.09 -16.42
N ASP A 7 14.23 7.12 -17.11
CA ASP A 7 15.16 8.14 -17.65
C ASP A 7 15.54 9.18 -16.56
N VAL A 8 16.52 8.83 -15.75
CA VAL A 8 17.01 9.68 -14.65
C VAL A 8 17.68 10.94 -15.19
N LYS A 9 18.39 10.88 -16.30
CA LYS A 9 19.12 12.08 -16.78
C LYS A 9 18.22 13.23 -17.18
N ASN A 10 17.06 12.94 -17.68
CA ASN A 10 16.10 13.98 -18.09
C ASN A 10 14.98 14.21 -17.09
N TRP A 11 15.11 13.68 -15.91
CA TRP A 11 13.96 13.76 -14.93
C TRP A 11 14.08 15.11 -14.23
N VAL A 12 12.91 15.71 -14.03
CA VAL A 12 12.92 16.98 -13.30
C VAL A 12 13.37 16.81 -11.83
N ARG A 13 13.23 15.64 -11.23
CA ARG A 13 13.65 15.45 -9.86
C ARG A 13 15.04 14.82 -9.86
N ARG A 14 15.82 14.84 -10.94
CA ARG A 14 17.10 14.11 -10.79
C ARG A 14 18.02 14.61 -9.67
N GLU A 15 18.07 15.89 -9.36
CA GLU A 15 18.91 16.37 -8.31
C GLU A 15 18.44 15.88 -6.93
N HIS A 16 17.10 15.95 -6.78
CA HIS A 16 16.44 15.53 -5.52
C HIS A 16 16.68 14.02 -5.25
N PHE A 17 16.64 13.23 -6.30
CA PHE A 17 16.80 11.78 -6.26
C PHE A 17 18.23 11.51 -5.68
N GLU A 18 19.26 12.10 -6.30
CA GLU A 18 20.64 11.86 -5.77
C GLU A 18 20.79 12.40 -4.36
N PHE A 19 20.21 13.59 -4.09
CA PHE A 19 20.28 14.24 -2.77
C PHE A 19 19.73 13.37 -1.66
N TYR A 20 18.46 12.89 -1.82
CA TYR A 20 17.79 12.07 -0.79
C TYR A 20 18.16 10.58 -0.82
N ARG A 21 18.84 10.16 -1.86
CA ARG A 21 19.29 8.80 -1.92
C ARG A 21 20.66 8.66 -1.19
N HIS A 22 21.54 9.65 -1.47
CA HIS A 22 22.89 9.47 -0.96
C HIS A 22 23.43 10.58 -0.13
N ARG A 23 23.09 11.81 -0.40
CA ARG A 23 23.67 12.93 0.40
C ARG A 23 23.01 12.99 1.76
N LEU A 24 21.69 13.02 1.81
CA LEU A 24 20.94 13.10 3.07
C LEU A 24 19.82 12.06 2.98
N PRO A 25 20.17 10.80 3.16
CA PRO A 25 19.18 9.70 3.00
C PRO A 25 18.07 9.85 4.07
N CYS A 26 16.84 9.85 3.61
CA CYS A 26 15.74 9.95 4.57
C CYS A 26 14.42 9.58 3.81
N GLY A 27 13.51 9.32 4.72
CA GLY A 27 12.13 8.99 4.31
C GLY A 27 11.21 9.73 5.32
N PHE A 28 9.92 9.60 5.14
CA PHE A 28 9.03 10.27 6.11
C PHE A 28 7.76 9.38 6.15
N SER A 29 7.05 9.62 7.23
CA SER A 29 5.71 8.99 7.36
C SER A 29 4.73 10.15 7.70
N LEU A 30 3.48 9.91 7.34
CA LEU A 30 2.39 10.84 7.66
C LEU A 30 1.12 9.98 7.90
N THR A 31 0.30 10.42 8.85
CA THR A 31 -0.97 9.68 9.04
C THR A 31 -2.06 10.74 8.79
N SER A 32 -3.03 10.27 8.02
CA SER A 32 -4.14 11.25 7.71
C SER A 32 -5.42 10.42 7.88
N LYS A 33 -6.55 11.05 8.04
CA LYS A 33 -7.79 10.25 8.13
C LYS A 33 -8.55 10.34 6.80
N ILE A 34 -8.87 9.15 6.33
CA ILE A 34 -9.70 9.09 5.07
C ILE A 34 -11.18 8.97 5.51
N ASP A 35 -12.00 9.74 4.85
CA ASP A 35 -13.48 9.61 5.12
C ASP A 35 -14.04 8.38 4.35
N ILE A 36 -14.44 7.39 5.14
CA ILE A 36 -14.99 6.17 4.56
C ILE A 36 -16.52 6.09 4.77
N THR A 37 -17.15 7.19 4.93
CA THR A 37 -18.64 7.20 5.09
C THR A 37 -19.29 6.63 3.85
N THR A 38 -18.91 7.12 2.68
CA THR A 38 -19.52 6.63 1.43
C THR A 38 -19.16 5.17 1.16
N LEU A 39 -17.86 4.88 1.39
CA LEU A 39 -17.43 3.50 1.16
C LEU A 39 -18.22 2.48 1.99
N LYS A 40 -18.51 2.81 3.20
CA LYS A 40 -19.26 1.95 4.14
C LYS A 40 -20.64 1.65 3.56
N LYS A 41 -21.28 2.68 3.06
CA LYS A 41 -22.57 2.51 2.34
C LYS A 41 -22.37 1.62 1.14
N SER A 42 -21.41 1.89 0.24
CA SER A 42 -21.23 0.97 -0.89
C SER A 42 -21.03 -0.45 -0.45
N LEU A 43 -20.29 -0.66 0.66
CA LEU A 43 -19.98 -2.04 1.12
C LEU A 43 -21.29 -2.72 1.63
N ASP A 44 -22.06 -1.89 2.34
CA ASP A 44 -23.34 -2.37 2.89
C ASP A 44 -24.21 -2.88 1.71
N ASP A 45 -24.16 -2.20 0.59
CA ASP A 45 -24.97 -2.61 -0.58
C ASP A 45 -24.23 -3.66 -1.38
N SER A 46 -23.37 -4.48 -0.79
CA SER A 46 -22.65 -5.44 -1.66
C SER A 46 -22.30 -6.65 -0.83
N ALA A 47 -21.58 -7.58 -1.34
CA ALA A 47 -21.11 -8.73 -0.59
C ALA A 47 -19.60 -8.59 -0.30
N TYR A 48 -19.01 -7.48 -0.72
CA TYR A 48 -17.50 -7.33 -0.52
C TYR A 48 -17.18 -7.05 0.93
N LYS A 49 -16.03 -7.45 1.41
CA LYS A 49 -15.66 -7.14 2.82
C LYS A 49 -14.63 -6.01 2.81
N PHE A 50 -14.60 -5.32 3.93
CA PHE A 50 -13.80 -4.14 4.14
C PHE A 50 -12.31 -4.30 3.79
N TYR A 51 -11.62 -5.18 4.44
CA TYR A 51 -10.16 -5.37 4.26
C TYR A 51 -9.75 -5.58 2.82
N PRO A 52 -10.26 -6.62 2.12
CA PRO A 52 -9.95 -6.83 0.71
C PRO A 52 -10.29 -5.61 -0.13
N VAL A 53 -11.41 -4.91 0.13
CA VAL A 53 -11.72 -3.72 -0.65
C VAL A 53 -10.63 -2.65 -0.45
N MET A 54 -10.24 -2.44 0.82
CA MET A 54 -9.21 -1.42 1.05
C MET A 54 -7.92 -1.82 0.36
N ILE A 55 -7.61 -3.07 0.43
CA ILE A 55 -6.37 -3.56 -0.23
C ILE A 55 -6.44 -3.17 -1.71
N TYR A 56 -7.58 -3.50 -2.36
CA TYR A 56 -7.84 -3.24 -3.80
C TYR A 56 -7.68 -1.75 -4.09
N LEU A 57 -8.34 -0.94 -3.30
CA LEU A 57 -8.31 0.51 -3.53
C LEU A 57 -6.89 1.13 -3.40
N ILE A 58 -6.22 0.71 -2.34
CA ILE A 58 -4.81 1.20 -2.12
C ILE A 58 -3.97 0.72 -3.31
N ALA A 59 -4.08 -0.55 -3.70
CA ALA A 59 -3.31 -1.06 -4.85
C ALA A 59 -3.66 -0.29 -6.12
N GLN A 60 -4.96 -0.01 -6.31
CA GLN A 60 -5.38 0.72 -7.51
C GLN A 60 -4.74 2.09 -7.56
N ALA A 61 -4.76 2.82 -6.49
CA ALA A 61 -4.17 4.18 -6.40
C ALA A 61 -2.66 4.11 -6.64
N VAL A 62 -2.02 3.14 -6.01
CA VAL A 62 -0.54 3.00 -6.20
C VAL A 62 -0.25 2.76 -7.66
N ASN A 63 -1.03 1.91 -8.32
CA ASN A 63 -0.87 1.50 -9.71
C ASN A 63 -1.08 2.65 -10.70
N GLN A 64 -1.51 3.77 -10.21
CA GLN A 64 -1.74 4.93 -11.07
C GLN A 64 -0.56 5.87 -11.11
N PHE A 65 0.35 5.80 -10.11
CA PHE A 65 1.43 6.79 -10.04
C PHE A 65 2.81 6.10 -10.10
N ASP A 66 3.63 6.53 -11.05
CA ASP A 66 4.92 5.88 -11.25
C ASP A 66 5.85 5.97 -10.05
N GLU A 67 5.86 7.09 -9.38
CA GLU A 67 6.77 7.36 -8.24
C GLU A 67 6.50 6.42 -7.07
N LEU A 68 5.35 5.74 -7.03
CA LEU A 68 5.09 4.75 -6.00
C LEU A 68 5.45 3.33 -6.44
N ARG A 69 5.99 3.15 -7.62
CA ARG A 69 6.33 1.84 -8.15
C ARG A 69 7.76 1.78 -8.62
N MET A 70 8.62 2.60 -7.96
CA MET A 70 10.09 2.61 -8.33
C MET A 70 10.90 1.62 -7.54
N ALA A 71 12.04 1.24 -8.16
CA ALA A 71 12.93 0.31 -7.43
C ALA A 71 14.29 0.47 -8.12
N ILE A 72 15.29 -0.10 -7.43
CA ILE A 72 16.63 -0.19 -8.01
C ILE A 72 16.77 -1.65 -8.48
N LYS A 73 17.06 -1.87 -9.73
CA LYS A 73 17.29 -3.25 -10.21
C LYS A 73 18.60 -3.17 -10.96
N ASP A 74 19.53 -4.03 -10.61
CA ASP A 74 20.84 -4.06 -11.35
C ASP A 74 21.46 -2.66 -11.38
N ASP A 75 21.43 -2.04 -10.23
CA ASP A 75 21.95 -0.71 -9.97
C ASP A 75 21.23 0.34 -10.82
N GLU A 76 20.05 0.06 -11.40
CA GLU A 76 19.43 1.20 -12.16
C GLU A 76 18.02 1.49 -11.61
N LEU A 77 17.54 2.69 -11.78
CA LEU A 77 16.18 3.02 -11.32
C LEU A 77 15.16 2.55 -12.41
N ILE A 78 14.21 1.78 -11.91
CA ILE A 78 13.16 1.21 -12.76
C ILE A 78 11.79 1.60 -12.23
N VAL A 79 10.78 1.46 -13.04
CA VAL A 79 9.36 1.60 -12.69
C VAL A 79 8.68 0.25 -13.05
N TRP A 80 8.02 -0.31 -12.08
CA TRP A 80 7.25 -1.56 -12.34
C TRP A 80 6.00 -1.16 -13.14
N ASP A 81 5.67 -1.97 -14.17
CA ASP A 81 4.44 -1.68 -14.91
C ASP A 81 3.24 -1.74 -13.93
N SER A 82 3.34 -2.68 -13.02
CA SER A 82 2.25 -2.85 -12.01
C SER A 82 2.84 -3.51 -10.79
N VAL A 83 2.23 -3.25 -9.62
CA VAL A 83 2.67 -3.91 -8.36
C VAL A 83 1.50 -4.68 -7.73
N ASP A 84 1.85 -5.73 -7.02
CA ASP A 84 0.82 -6.54 -6.29
C ASP A 84 0.90 -6.21 -4.80
N PRO A 85 -0.22 -6.16 -4.15
CA PRO A 85 -0.24 -5.89 -2.70
C PRO A 85 0.29 -7.10 -1.94
N GLN A 86 1.09 -6.81 -0.92
CA GLN A 86 1.53 -7.84 0.04
C GLN A 86 0.83 -7.36 1.33
N PHE A 87 -0.02 -8.15 1.93
CA PHE A 87 -0.78 -7.65 3.11
C PHE A 87 -0.65 -8.65 4.24
N THR A 88 -0.87 -8.12 5.49
CA THR A 88 -0.81 -8.96 6.66
C THR A 88 -2.16 -9.64 6.95
N VAL A 89 -2.03 -10.86 7.44
CA VAL A 89 -3.13 -11.70 7.84
C VAL A 89 -2.84 -12.17 9.29
N PHE A 90 -3.83 -11.99 10.12
CA PHE A 90 -3.71 -12.38 11.53
C PHE A 90 -4.29 -13.76 11.74
N HIS A 91 -3.61 -14.56 12.54
CA HIS A 91 -4.09 -15.90 12.90
C HIS A 91 -4.60 -15.79 14.34
N GLN A 92 -5.90 -15.97 14.51
CA GLN A 92 -6.45 -15.82 15.88
C GLN A 92 -5.94 -16.88 16.84
N GLU A 93 -5.71 -18.06 16.29
CA GLU A 93 -5.27 -19.22 17.05
C GLU A 93 -3.90 -19.06 17.66
N THR A 94 -2.94 -18.49 16.92
CA THR A 94 -1.59 -18.36 17.49
C THR A 94 -1.27 -16.94 17.96
N GLU A 95 -2.16 -16.04 17.56
CA GLU A 95 -2.01 -14.59 17.78
C GLU A 95 -0.70 -14.09 17.12
N THR A 96 -0.47 -14.57 15.90
CA THR A 96 0.68 -14.20 15.09
C THR A 96 0.19 -13.80 13.72
N PHE A 97 1.03 -13.16 12.91
CA PHE A 97 0.56 -12.80 11.55
C PHE A 97 1.49 -13.44 10.53
N SER A 98 0.99 -13.41 9.28
CA SER A 98 1.72 -13.85 8.10
C SER A 98 1.55 -12.73 7.05
N ALA A 99 2.37 -12.72 6.06
CA ALA A 99 2.20 -11.75 4.97
C ALA A 99 1.88 -12.60 3.70
N LEU A 100 0.86 -12.19 3.00
CA LEU A 100 0.52 -12.86 1.72
C LEU A 100 0.47 -11.83 0.61
N SER A 101 0.55 -12.34 -0.63
CA SER A 101 0.40 -11.39 -1.75
C SER A 101 -0.54 -12.04 -2.74
N CYS A 102 -1.20 -11.19 -3.52
CA CYS A 102 -2.01 -11.82 -4.64
C CYS A 102 -1.95 -10.81 -5.77
N PRO A 103 -2.12 -11.30 -6.99
CA PRO A 103 -2.02 -10.42 -8.17
C PRO A 103 -3.14 -9.38 -8.18
N TYR A 104 -2.72 -8.18 -8.54
CA TYR A 104 -3.61 -7.03 -8.67
C TYR A 104 -4.38 -7.23 -9.99
N SER A 105 -5.60 -6.75 -10.03
CA SER A 105 -6.38 -6.77 -11.30
C SER A 105 -7.19 -5.49 -11.24
N SER A 106 -7.38 -4.82 -12.36
CA SER A 106 -8.22 -3.57 -12.30
C SER A 106 -9.70 -3.95 -12.16
N ASP A 107 -10.00 -5.20 -12.43
CA ASP A 107 -11.34 -5.81 -12.25
C ASP A 107 -11.48 -6.27 -10.77
N ILE A 108 -12.33 -5.56 -10.08
CA ILE A 108 -12.54 -5.80 -8.63
C ILE A 108 -12.94 -7.23 -8.36
N ASP A 109 -13.84 -7.75 -9.30
CA ASP A 109 -14.30 -9.11 -9.05
C ASP A 109 -13.19 -10.08 -9.21
N GLN A 110 -12.36 -9.93 -10.22
CA GLN A 110 -11.22 -10.86 -10.43
C GLN A 110 -10.19 -10.76 -9.24
N PHE A 111 -10.04 -9.52 -8.75
CA PHE A 111 -9.17 -9.28 -7.56
C PHE A 111 -9.78 -10.09 -6.40
N MET A 112 -11.10 -9.99 -6.18
CA MET A 112 -11.66 -10.74 -5.03
C MET A 112 -11.40 -12.22 -5.15
N VAL A 113 -11.51 -12.77 -6.38
CA VAL A 113 -11.27 -14.18 -6.62
C VAL A 113 -9.82 -14.48 -6.23
N ASN A 114 -8.90 -13.67 -6.68
CA ASN A 114 -7.46 -13.91 -6.37
C ASN A 114 -7.24 -13.95 -4.81
N TYR A 115 -7.79 -12.97 -4.16
CA TYR A 115 -7.67 -12.81 -2.69
C TYR A 115 -8.20 -14.02 -1.97
N LEU A 116 -9.47 -14.37 -2.25
CA LEU A 116 -10.11 -15.51 -1.56
C LEU A 116 -9.36 -16.82 -1.78
N SER A 117 -8.87 -16.92 -2.98
CA SER A 117 -8.07 -18.12 -3.34
C SER A 117 -6.81 -18.17 -2.50
N VAL A 118 -6.02 -17.10 -2.42
CA VAL A 118 -4.80 -17.12 -1.57
C VAL A 118 -5.14 -17.35 -0.11
N MET A 119 -6.22 -16.74 0.33
CA MET A 119 -6.70 -16.82 1.70
C MET A 119 -7.10 -18.28 2.00
N GLU A 120 -7.80 -18.87 1.07
CA GLU A 120 -8.28 -20.29 1.21
C GLU A 120 -7.04 -21.21 1.39
N ARG A 121 -6.14 -21.14 0.49
CA ARG A 121 -4.94 -21.95 0.50
C ARG A 121 -4.04 -21.74 1.74
N TYR A 122 -3.86 -20.52 2.26
CA TYR A 122 -2.87 -20.40 3.38
C TYR A 122 -3.46 -19.94 4.68
N LYS A 123 -4.77 -20.02 4.89
CA LYS A 123 -5.40 -19.51 6.12
C LYS A 123 -4.83 -20.22 7.35
N SER A 124 -4.37 -21.41 7.23
CA SER A 124 -3.81 -22.16 8.35
C SER A 124 -2.29 -22.09 8.43
N ASP A 125 -1.66 -21.46 7.47
CA ASP A 125 -0.19 -21.45 7.45
C ASP A 125 0.38 -20.27 8.29
N THR A 126 1.08 -20.67 9.31
CA THR A 126 1.72 -19.73 10.23
C THR A 126 3.12 -19.31 9.93
N LYS A 127 3.74 -19.67 8.84
CA LYS A 127 5.06 -19.17 8.43
C LYS A 127 4.84 -17.65 8.23
N LEU A 128 5.91 -16.90 8.40
CA LEU A 128 5.83 -15.45 8.17
C LEU A 128 5.51 -15.19 6.66
N PHE A 129 6.16 -15.92 5.76
CA PHE A 129 5.94 -15.81 4.30
C PHE A 129 5.54 -17.19 3.73
N PRO A 130 4.30 -17.59 3.88
CA PRO A 130 3.82 -18.90 3.40
C PRO A 130 4.09 -19.15 1.93
N GLN A 131 4.07 -18.16 1.09
CA GLN A 131 4.26 -18.29 -0.35
C GLN A 131 5.76 -18.26 -0.61
N GLY A 132 6.64 -17.97 0.31
CA GLY A 132 8.08 -17.98 -0.09
C GLY A 132 8.53 -16.57 -0.35
N VAL A 133 9.38 -16.30 -1.31
CA VAL A 133 9.89 -14.92 -1.50
C VAL A 133 8.79 -13.94 -1.92
N THR A 134 8.91 -12.71 -1.45
CA THR A 134 7.93 -11.66 -1.81
C THR A 134 8.23 -11.30 -3.25
N PRO A 135 7.21 -11.12 -4.06
CA PRO A 135 7.39 -10.63 -5.45
C PRO A 135 8.16 -9.33 -5.37
N GLU A 136 9.07 -9.06 -6.30
CA GLU A 136 9.83 -7.81 -6.27
C GLU A 136 8.92 -6.60 -6.46
N ASN A 137 7.86 -6.75 -7.29
CA ASN A 137 6.95 -5.64 -7.63
C ASN A 137 5.79 -5.70 -6.61
N HIS A 138 6.06 -5.18 -5.42
CA HIS A 138 5.06 -5.25 -4.34
C HIS A 138 4.85 -3.89 -3.70
N LEU A 139 3.77 -3.79 -2.89
CA LEU A 139 3.54 -2.68 -2.00
C LEU A 139 3.19 -3.37 -0.63
N ASN A 140 3.51 -2.78 0.51
CA ASN A 140 3.14 -3.41 1.78
C ASN A 140 1.94 -2.66 2.37
N ILE A 141 1.00 -3.51 2.81
CA ILE A 141 -0.19 -2.98 3.45
C ILE A 141 -0.35 -3.76 4.76
N SER A 142 -0.66 -3.09 5.82
CA SER A 142 -0.88 -3.76 7.09
C SER A 142 -2.08 -3.12 7.80
N ALA A 143 -2.72 -3.94 8.60
CA ALA A 143 -3.91 -3.42 9.32
C ALA A 143 -3.81 -3.74 10.80
N LEU A 144 -4.26 -2.81 11.67
CA LEU A 144 -4.31 -2.92 13.11
C LEU A 144 -5.77 -2.66 13.43
N PRO A 145 -6.58 -3.67 13.22
CA PRO A 145 -8.04 -3.44 13.35
C PRO A 145 -8.50 -3.32 14.77
N TRP A 146 -7.65 -3.65 15.73
CA TRP A 146 -8.00 -3.67 17.15
C TRP A 146 -7.90 -2.36 17.88
N VAL A 147 -7.29 -1.34 17.32
CA VAL A 147 -7.13 -0.06 18.02
C VAL A 147 -7.12 1.08 16.99
N ASN A 148 -7.64 2.20 17.44
CA ASN A 148 -7.60 3.41 16.59
C ASN A 148 -6.26 4.10 16.93
N PHE A 149 -5.67 4.77 15.98
CA PHE A 149 -4.43 5.53 16.27
C PHE A 149 -4.57 6.82 15.48
N ASP A 150 -3.83 7.82 15.90
CA ASP A 150 -3.73 9.09 15.17
C ASP A 150 -2.36 9.14 14.44
N SER A 151 -1.44 8.27 14.88
CA SER A 151 -0.15 8.25 14.22
C SER A 151 0.43 6.87 14.27
N PHE A 152 1.29 6.61 13.26
CA PHE A 152 1.99 5.32 13.29
C PHE A 152 3.34 5.58 12.56
N ASN A 153 4.45 5.10 13.07
CA ASN A 153 5.71 5.32 12.27
C ASN A 153 6.54 4.06 12.46
N LEU A 154 7.24 3.63 11.40
CA LEU A 154 8.16 2.47 11.54
C LEU A 154 9.60 3.03 11.69
N ASN A 155 10.30 2.61 12.70
CA ASN A 155 11.71 3.00 12.93
C ASN A 155 12.51 1.79 12.41
N VAL A 156 13.09 1.98 11.22
CA VAL A 156 13.85 0.88 10.53
C VAL A 156 15.34 1.21 10.60
N ALA A 157 16.11 0.28 11.09
CA ALA A 157 17.56 0.43 11.25
C ALA A 157 18.25 0.63 9.91
N ASN A 158 17.83 0.08 8.81
CA ASN A 158 18.42 0.33 7.47
C ASN A 158 17.37 0.32 6.39
N PHE A 159 17.21 1.40 5.65
CA PHE A 159 16.13 1.39 4.55
C PHE A 159 16.81 1.78 3.23
N THR A 160 18.18 1.63 3.21
CA THR A 160 18.78 1.99 1.92
C THR A 160 18.07 1.55 0.66
N ASP A 161 17.78 2.33 -0.31
CA ASP A 161 17.21 2.02 -1.62
C ASP A 161 15.90 1.23 -1.61
N TYR A 162 15.17 1.30 -0.50
CA TYR A 162 13.90 0.55 -0.44
C TYR A 162 12.84 1.61 -0.71
N PHE A 163 12.30 1.48 -1.93
CA PHE A 163 11.36 2.52 -2.38
C PHE A 163 9.87 2.15 -2.35
N ALA A 164 9.53 0.94 -1.98
CA ALA A 164 8.07 0.59 -2.02
C ALA A 164 7.41 1.26 -0.81
N PRO A 165 6.26 1.87 -1.05
CA PRO A 165 5.51 2.52 0.04
C PRO A 165 5.04 1.49 1.03
N ILE A 166 4.91 1.93 2.27
CA ILE A 166 4.41 1.10 3.37
C ILE A 166 3.12 1.74 3.84
N ILE A 167 2.02 1.03 3.85
CA ILE A 167 0.71 1.67 4.25
C ILE A 167 0.15 0.89 5.43
N THR A 168 -0.28 1.59 6.45
CA THR A 168 -0.81 0.94 7.67
C THR A 168 -2.15 1.59 7.98
N MET A 169 -3.17 0.75 8.25
CA MET A 169 -4.51 1.30 8.55
C MET A 169 -4.83 0.92 10.01
N ALA A 170 -5.61 1.76 10.68
CA ALA A 170 -6.03 1.47 12.07
C ALA A 170 -7.53 1.12 12.11
N LYS A 171 -8.12 0.88 13.26
CA LYS A 171 -9.58 0.67 13.37
C LYS A 171 -10.22 2.05 13.03
N TYR A 172 -11.32 2.00 12.25
CA TYR A 172 -11.98 3.27 11.89
C TYR A 172 -12.88 3.69 13.05
N GLN A 173 -13.26 4.96 13.04
CA GLN A 173 -14.15 5.37 14.18
C GLN A 173 -15.04 6.50 13.67
N GLN A 174 -16.15 6.60 14.39
CA GLN A 174 -17.19 7.61 14.07
C GLN A 174 -16.73 8.90 14.71
N GLU A 175 -16.75 9.89 13.87
CA GLU A 175 -16.28 11.27 14.24
C GLU A 175 -17.43 12.17 13.74
N GLY A 176 -18.37 12.35 14.69
CA GLY A 176 -19.57 13.17 14.35
C GLY A 176 -20.33 12.45 13.28
N ASP A 177 -20.50 13.08 12.12
CA ASP A 177 -21.32 12.43 11.05
C ASP A 177 -20.45 11.54 10.13
N ARG A 178 -19.17 11.55 10.39
CA ARG A 178 -18.28 10.81 9.50
C ARG A 178 -17.65 9.61 10.16
N LEU A 179 -17.40 8.65 9.27
CA LEU A 179 -16.66 7.43 9.66
C LEU A 179 -15.23 7.68 9.13
N LEU A 180 -14.27 7.82 10.01
CA LEU A 180 -12.88 8.09 9.56
C LEU A 180 -11.92 6.92 9.77
N LEU A 181 -11.09 6.70 8.76
CA LEU A 181 -10.08 5.62 8.85
C LEU A 181 -8.67 6.26 8.88
N PRO A 182 -7.96 6.07 9.97
CA PRO A 182 -6.54 6.51 10.04
C PRO A 182 -5.71 5.62 9.08
N LEU A 183 -4.92 6.29 8.26
CA LEU A 183 -4.03 5.61 7.27
C LEU A 183 -2.67 6.33 7.33
N SER A 184 -1.68 5.50 7.56
CA SER A 184 -0.29 6.00 7.65
C SER A 184 0.42 5.55 6.38
N VAL A 185 1.13 6.49 5.79
CA VAL A 185 1.89 6.19 4.55
C VAL A 185 3.38 6.51 4.89
N GLN A 186 4.27 5.60 4.54
CA GLN A 186 5.70 5.79 4.83
C GLN A 186 6.47 5.52 3.54
N VAL A 187 7.24 6.55 3.10
CA VAL A 187 7.95 6.48 1.82
C VAL A 187 9.41 6.95 2.02
N HIS A 188 10.14 6.68 0.98
CA HIS A 188 11.55 7.12 0.88
C HIS A 188 11.52 8.46 0.12
N HIS A 189 12.23 9.45 0.67
CA HIS A 189 12.28 10.79 0.09
C HIS A 189 13.01 10.84 -1.27
N ALA A 190 13.84 9.88 -1.59
CA ALA A 190 14.48 9.91 -2.95
C ALA A 190 13.44 9.84 -4.07
N VAL A 191 12.32 9.12 -3.91
CA VAL A 191 11.33 8.99 -5.00
C VAL A 191 10.07 9.76 -4.75
N CYS A 192 9.74 10.12 -3.50
CA CYS A 192 8.49 10.79 -3.19
C CYS A 192 8.72 12.05 -2.30
N ASP A 193 8.01 13.07 -2.72
CA ASP A 193 8.01 14.35 -2.01
C ASP A 193 6.62 14.36 -1.27
N GLY A 194 6.44 15.43 -0.50
CA GLY A 194 5.10 15.55 0.18
C GLY A 194 3.98 15.67 -0.81
N PHE A 195 4.22 16.36 -1.93
CA PHE A 195 3.22 16.46 -2.98
C PHE A 195 2.71 15.07 -3.44
N HIS A 196 3.68 14.19 -3.70
CA HIS A 196 3.32 12.84 -4.21
C HIS A 196 2.49 12.01 -3.23
N VAL A 197 2.80 12.18 -1.96
CA VAL A 197 2.03 11.45 -0.92
C VAL A 197 0.61 12.05 -0.82
N ALA A 198 0.53 13.37 -0.87
CA ALA A 198 -0.80 14.04 -0.75
C ALA A 198 -1.67 13.63 -1.93
N ARG A 199 -1.04 13.63 -3.12
CA ARG A 199 -1.71 13.24 -4.35
C ARG A 199 -2.25 11.81 -4.20
N PHE A 200 -1.46 10.90 -3.69
CA PHE A 200 -1.89 9.49 -3.46
C PHE A 200 -3.11 9.46 -2.51
N ILE A 201 -3.00 10.12 -1.38
CA ILE A 201 -4.08 10.16 -0.39
C ILE A 201 -5.33 10.81 -1.00
N ASN A 202 -5.17 11.93 -1.70
CA ASN A 202 -6.35 12.54 -2.33
C ASN A 202 -7.01 11.61 -3.31
N ARG A 203 -6.24 10.90 -4.13
CA ARG A 203 -6.77 9.95 -5.10
C ARG A 203 -7.47 8.80 -4.35
N LEU A 204 -6.84 8.30 -3.26
CA LEU A 204 -7.50 7.23 -2.52
C LEU A 204 -8.87 7.68 -2.00
N GLN A 205 -8.93 8.89 -1.43
CA GLN A 205 -10.20 9.44 -0.93
C GLN A 205 -11.27 9.50 -2.04
N GLU A 206 -10.85 9.96 -3.23
CA GLU A 206 -11.79 9.97 -4.38
C GLU A 206 -12.27 8.54 -4.64
N LEU A 207 -11.38 7.53 -4.72
CA LEU A 207 -11.79 6.16 -4.99
C LEU A 207 -12.75 5.63 -3.96
N CYS A 208 -12.55 5.97 -2.69
CA CYS A 208 -13.43 5.53 -1.61
C CYS A 208 -14.83 6.15 -1.83
N ASN A 209 -14.86 7.34 -2.40
CA ASN A 209 -16.10 8.06 -2.66
C ASN A 209 -16.76 7.68 -3.98
N SER A 210 -16.27 6.75 -4.72
CA SER A 210 -16.75 6.34 -6.04
C SER A 210 -17.34 4.96 -6.03
N LYS A 211 -18.11 4.65 -7.12
CA LYS A 211 -18.72 3.30 -7.20
C LYS A 211 -17.65 2.26 -7.27
N LEU A 212 -17.91 1.12 -6.69
CA LEU A 212 -16.95 0.02 -6.73
C LEU A 212 -16.84 -0.61 -8.11
N LYS A 213 -17.95 -0.63 -8.80
CA LYS A 213 -18.10 -1.16 -10.16
C LYS A 213 -19.44 -0.71 -10.76
CO CO B . 25.52 9.28 -5.23
CO CO C . -0.91 1.24 -15.69
C1 CLM D . 6.17 -7.10 5.86
CL1 CLM D . 7.62 -6.92 4.97
CL2 CLM D . 6.02 -8.85 6.14
C2 CLM D . 6.43 -6.50 7.30
O2 CLM D . 7.49 -6.72 7.85
N2 CLM D . 5.38 -5.84 7.74
C3 CLM D . 5.30 -5.13 9.01
C4 CLM D . 4.08 -5.59 9.80
O4 CLM D . 4.06 -4.78 11.04
C5 CLM D . 5.45 -3.63 8.82
O5 CLM D . 4.30 -3.14 8.12
C6 CLM D . 6.67 -3.39 8.00
C7 CLM D . 7.91 -3.23 8.75
C8 CLM D . 9.07 -2.88 8.11
C9 CLM D . 9.03 -2.68 6.79
N9 CLM D . 10.21 -2.34 5.97
O9A CLM D . 10.16 -2.50 4.79
O9B CLM D . 11.20 -1.93 6.59
C10 CLM D . 7.87 -2.90 6.00
C11 CLM D . 6.68 -3.21 6.62
#